data_1U6L
#
_entry.id   1U6L
#
_cell.length_a   56.579
_cell.length_b   76.294
_cell.length_c   82.193
_cell.angle_alpha   90.00
_cell.angle_beta   90.00
_cell.angle_gamma   90.00
#
_symmetry.space_group_name_H-M   'P 21 21 21'
#
loop_
_entity.id
_entity.type
_entity.pdbx_description
1 polymer 'hypothetical protein'
2 water water
#
_entity_poly.entity_id   1
_entity_poly.type   'polypeptide(L)'
_entity_poly.pdbx_seq_one_letter_code
;(MSE)SLQIVPYLIFNGNCREAFSCYHQHLGGTLEA(MSE)LPFGDSPECGDIPADWKDKI(MSE)HARLVVGSFAL
(MSE)ASDNHPAYPYEGIKGCSISLNVDSKAEAERLFNALAEGGSVQ(MSE)PLGPTFWAASFG(MSE)FTDRFGVAW
(MSE)VNCEQDREGGSHHHHHH
;
_entity_poly.pdbx_strand_id   A,B
#
# COMPACT_ATOMS: atom_id res chain seq x y z
N SER A 2 -4.17 15.59 -9.64
CA SER A 2 -5.42 14.77 -9.37
C SER A 2 -5.37 13.23 -9.19
N LEU A 3 -6.41 12.70 -8.58
CA LEU A 3 -6.48 11.32 -8.20
C LEU A 3 -5.20 10.77 -7.60
N GLN A 4 -5.07 10.80 -6.29
CA GLN A 4 -3.84 10.48 -5.62
C GLN A 4 -4.04 9.11 -5.02
N ILE A 5 -3.19 8.12 -5.32
CA ILE A 5 -3.35 6.85 -4.59
C ILE A 5 -2.19 6.79 -3.64
N VAL A 6 -2.51 6.60 -2.35
CA VAL A 6 -1.53 6.52 -1.26
C VAL A 6 -1.77 5.30 -0.36
N PRO A 7 -0.78 4.49 0.00
CA PRO A 7 -1.05 3.37 0.98
C PRO A 7 -1.32 3.87 2.39
N TYR A 8 -2.33 3.40 3.08
CA TYR A 8 -2.54 3.72 4.50
C TYR A 8 -2.18 2.51 5.40
N LEU A 9 -1.27 2.65 6.35
CA LEU A 9 -0.88 1.46 7.08
C LEU A 9 -1.40 1.47 8.54
N ILE A 10 -1.46 0.30 9.19
CA ILE A 10 -1.91 0.25 10.54
C ILE A 10 -0.95 -0.44 11.46
N PHE A 11 -0.38 0.27 12.44
CA PHE A 11 0.47 -0.33 13.49
C PHE A 11 -0.30 -0.63 14.81
N ASN A 12 0.25 -1.53 15.59
CA ASN A 12 -0.35 -1.77 16.84
C ASN A 12 0.40 -1.03 17.95
N GLY A 13 0.57 0.27 17.82
CA GLY A 13 1.08 1.11 18.92
C GLY A 13 2.43 1.77 18.62
N ASN A 14 3.09 1.38 17.52
CA ASN A 14 4.47 1.85 17.32
C ASN A 14 4.59 2.67 16.07
N CYS A 15 3.45 3.17 15.60
CA CYS A 15 3.43 4.06 14.48
C CYS A 15 4.40 5.27 14.62
N ARG A 16 4.35 5.98 15.76
CA ARG A 16 5.25 7.10 15.97
C ARG A 16 6.67 6.66 15.79
N GLU A 17 7.14 5.62 16.49
CA GLU A 17 8.48 5.15 16.22
C GLU A 17 8.72 4.84 14.74
N ALA A 18 7.70 4.28 14.04
CA ALA A 18 7.96 3.70 12.67
C ALA A 18 8.14 4.84 11.69
N PHE A 19 7.29 5.86 11.81
CA PHE A 19 7.33 6.96 10.90
C PHE A 19 8.52 7.78 11.12
N SER A 20 9.02 7.83 12.34
CA SER A 20 10.19 8.64 12.60
C SER A 20 11.39 8.04 11.86
N CYS A 21 11.40 6.73 11.74
CA CYS A 21 12.50 6.06 11.06
C CYS A 21 12.33 6.16 9.48
N TYR A 22 11.12 5.84 8.94
CA TYR A 22 10.73 6.20 7.56
C TYR A 22 11.20 7.62 7.26
N HIS A 23 10.87 8.60 8.10
CA HIS A 23 11.36 9.90 7.92
C HIS A 23 12.87 9.96 7.81
N GLN A 24 13.52 9.47 8.85
CA GLN A 24 14.99 9.58 8.87
C GLN A 24 15.62 9.04 7.58
N HIS A 25 15.02 8.01 6.95
CA HIS A 25 15.75 7.20 5.96
C HIS A 25 15.27 7.46 4.59
N LEU A 26 14.04 8.00 4.51
CA LEU A 26 13.40 8.20 3.28
C LEU A 26 13.46 9.64 2.96
N GLY A 27 13.67 10.48 3.96
CA GLY A 27 13.70 11.91 3.66
C GLY A 27 12.28 12.40 3.60
N GLY A 28 12.02 13.47 2.88
CA GLY A 28 10.64 13.99 2.81
C GLY A 28 10.27 14.80 4.02
N THR A 29 9.02 15.15 4.14
CA THR A 29 8.43 15.93 5.19
C THR A 29 7.32 15.11 5.86
N LEU A 30 7.41 15.15 7.18
CA LEU A 30 6.48 14.48 7.97
C LEU A 30 5.37 15.55 8.24
N GLU A 31 4.38 15.64 7.33
CA GLU A 31 3.31 16.65 7.43
C GLU A 31 2.39 16.48 8.65
N ALA A 32 2.43 15.33 9.30
CA ALA A 32 1.45 15.08 10.38
C ALA A 32 1.88 13.97 11.38
N LEU A 34 -0.16 13.24 14.43
CA LEU A 34 -1.17 13.70 15.36
C LEU A 34 -1.68 12.56 16.38
N PRO A 35 -1.54 12.75 17.74
CA PRO A 35 -2.05 11.78 18.73
C PRO A 35 -3.51 11.91 18.97
N PHE A 36 -4.15 10.78 19.31
CA PHE A 36 -5.57 10.70 19.64
C PHE A 36 -5.83 11.71 20.73
N GLY A 37 -5.01 11.71 21.77
CA GLY A 37 -5.06 12.72 22.80
C GLY A 37 -5.30 14.13 22.30
N ASP A 38 -4.51 14.60 21.35
CA ASP A 38 -4.69 15.97 20.90
C ASP A 38 -5.68 16.06 19.76
N SER A 39 -6.68 15.19 19.75
CA SER A 39 -7.71 15.23 18.73
C SER A 39 -9.19 15.24 19.21
N PRO A 40 -10.15 15.10 18.28
CA PRO A 40 -11.51 14.78 18.77
C PRO A 40 -11.64 13.25 18.93
N GLU A 41 -10.60 12.65 19.52
CA GLU A 41 -10.40 11.18 19.65
C GLU A 41 -10.42 10.39 18.32
N PRO A 46 -12.95 5.80 22.13
CA PRO A 46 -12.10 6.69 22.95
C PRO A 46 -10.82 6.06 23.57
N ALA A 47 -11.02 5.15 24.53
CA ALA A 47 -10.01 4.65 25.52
C ALA A 47 -9.28 5.76 26.36
N ASP A 48 -8.61 5.36 27.46
CA ASP A 48 -7.97 6.29 28.39
C ASP A 48 -6.51 6.26 28.04
N TRP A 49 -5.63 6.74 28.94
CA TRP A 49 -4.17 6.68 28.74
C TRP A 49 -3.79 5.84 27.47
N LYS A 50 -3.89 6.51 26.31
CA LYS A 50 -3.75 5.94 24.95
C LYS A 50 -3.47 7.01 23.84
N ASP A 51 -2.37 7.76 23.96
CA ASP A 51 -1.95 8.78 22.93
C ASP A 51 -0.82 8.33 21.95
N LYS A 52 -1.10 7.16 21.48
CA LYS A 52 -0.77 6.62 20.24
C LYS A 52 -1.18 7.57 19.12
N ILE A 53 -1.09 7.14 17.82
CA ILE A 53 -1.20 8.15 16.76
C ILE A 53 -2.44 8.11 15.95
N HIS A 55 -3.19 9.76 13.35
CA HIS A 55 -2.95 9.84 11.92
C HIS A 55 -1.61 10.42 11.53
N ALA A 56 -0.96 9.90 10.55
CA ALA A 56 0.35 10.44 10.36
C ALA A 56 0.55 10.50 8.87
N ARG A 57 1.39 11.41 8.38
CA ARG A 57 1.51 11.57 6.92
C ARG A 57 2.92 11.93 6.60
N LEU A 58 3.58 11.12 5.77
CA LEU A 58 4.95 11.28 5.37
C LEU A 58 4.96 11.60 3.86
N VAL A 59 5.43 12.77 3.43
CA VAL A 59 5.28 13.04 2.02
C VAL A 59 6.67 13.09 1.54
N VAL A 60 6.86 12.45 0.39
CA VAL A 60 8.22 12.38 -0.23
C VAL A 60 8.12 12.70 -1.69
N GLY A 61 8.73 13.79 -2.05
CA GLY A 61 8.43 14.27 -3.33
C GLY A 61 6.95 14.27 -3.61
N SER A 62 6.51 13.42 -4.47
CA SER A 62 5.12 13.46 -4.84
C SER A 62 4.41 12.15 -4.39
N PHE A 63 5.13 11.28 -3.70
CA PHE A 63 4.39 10.15 -3.03
C PHE A 63 4.10 10.35 -1.51
N ALA A 64 3.23 9.53 -0.97
CA ALA A 64 2.90 9.71 0.43
C ALA A 64 2.62 8.37 1.06
N LEU A 65 3.18 8.14 2.27
CA LEU A 65 2.74 7.11 3.18
C LEU A 65 1.82 7.70 4.23
N ALA A 67 -0.44 6.69 7.92
CA ALA A 67 -0.59 5.59 8.89
C ALA A 67 -1.42 5.95 10.08
N SER A 68 -1.70 4.98 10.97
CA SER A 68 -2.52 5.22 12.17
C SER A 68 -2.24 4.17 13.24
N ASP A 69 -2.31 4.52 14.53
CA ASP A 69 -2.10 3.43 15.55
C ASP A 69 -3.47 2.76 15.72
N ASN A 70 -3.58 1.43 15.58
CA ASN A 70 -4.91 0.82 15.74
C ASN A 70 -5.71 1.30 16.97
N HIS A 71 -7.00 1.48 16.76
CA HIS A 71 -8.01 1.78 17.82
C HIS A 71 -8.15 0.59 18.75
N PRO A 72 -7.93 0.76 20.02
CA PRO A 72 -8.05 -0.47 20.74
C PRO A 72 -9.44 -1.16 20.74
N ALA A 73 -10.44 -0.66 20.00
CA ALA A 73 -11.76 -1.39 19.89
C ALA A 73 -11.77 -2.45 18.79
N TYR A 74 -10.68 -2.58 18.02
CA TYR A 74 -10.67 -3.50 16.89
C TYR A 74 -9.48 -4.39 17.01
N PRO A 75 -9.71 -5.70 16.86
CA PRO A 75 -8.62 -6.66 17.03
C PRO A 75 -7.45 -6.24 16.11
N TYR A 76 -6.22 -6.65 16.42
CA TYR A 76 -5.11 -6.16 15.55
C TYR A 76 -4.47 -7.33 14.87
N GLU A 77 -4.46 -7.29 13.55
CA GLU A 77 -3.57 -8.17 12.84
C GLU A 77 -2.61 -7.25 12.17
N GLY A 78 -1.39 -7.73 12.01
CA GLY A 78 -0.32 -6.97 11.41
C GLY A 78 -0.62 -6.60 9.98
N ILE A 79 0.38 -6.56 9.11
CA ILE A 79 0.11 -6.11 7.73
C ILE A 79 0.29 -7.34 6.88
N LYS A 80 -0.61 -7.64 5.99
CA LYS A 80 -0.41 -8.84 5.25
C LYS A 80 -0.53 -8.80 3.71
N GLY A 81 -1.63 -8.40 3.16
CA GLY A 81 -1.69 -8.75 1.75
C GLY A 81 -0.69 -8.15 0.78
N CYS A 82 -0.06 -7.03 1.19
CA CYS A 82 0.76 -6.27 0.32
C CYS A 82 2.03 -5.70 0.95
N SER A 83 2.91 -5.14 0.10
CA SER A 83 4.15 -4.49 0.53
C SER A 83 4.43 -3.20 -0.15
N ILE A 84 5.29 -2.37 0.48
CA ILE A 84 5.53 -1.03 -0.03
C ILE A 84 6.76 -1.08 -0.87
N SER A 85 6.60 -1.03 -2.15
CA SER A 85 7.72 -1.22 -2.97
C SER A 85 8.50 0.12 -3.12
N LEU A 86 9.83 0.12 -3.00
CA LEU A 86 10.59 1.36 -3.26
C LEU A 86 11.49 1.36 -4.50
N ASN A 87 11.06 2.00 -5.60
CA ASN A 87 11.86 2.13 -6.83
C ASN A 87 12.75 3.35 -6.61
N VAL A 88 14.03 3.06 -6.51
CA VAL A 88 15.15 3.95 -6.26
C VAL A 88 16.12 3.99 -7.56
N ASP A 89 16.84 5.09 -7.77
CA ASP A 89 17.67 5.32 -9.01
C ASP A 89 19.15 4.78 -9.03
N SER A 90 19.60 4.05 -8.02
CA SER A 90 20.98 3.67 -7.94
C SER A 90 21.19 2.46 -7.01
N LYS A 91 22.26 1.67 -7.22
CA LYS A 91 22.49 0.53 -6.32
C LYS A 91 22.85 1.04 -4.93
N ALA A 92 23.47 2.21 -4.87
CA ALA A 92 23.95 2.59 -3.54
C ALA A 92 22.71 2.84 -2.69
N GLU A 93 21.70 3.43 -3.36
CA GLU A 93 20.53 3.82 -2.61
C GLU A 93 19.71 2.60 -2.26
N ALA A 94 19.64 1.64 -3.16
CA ALA A 94 18.91 0.50 -2.82
C ALA A 94 19.62 -0.16 -1.62
N GLU A 95 20.95 -0.18 -1.60
CA GLU A 95 21.58 -0.88 -0.51
C GLU A 95 21.29 -0.12 0.79
N ARG A 96 21.41 1.21 0.72
CA ARG A 96 21.31 2.03 1.90
C ARG A 96 19.91 1.90 2.54
N LEU A 97 18.87 1.91 1.70
CA LEU A 97 17.54 1.72 2.22
C LEU A 97 17.36 0.30 2.69
N PHE A 98 17.83 -0.68 1.97
CA PHE A 98 17.55 -2.01 2.39
C PHE A 98 18.14 -2.14 3.77
N ASN A 99 19.35 -1.61 3.89
CA ASN A 99 20.03 -1.81 5.15
C ASN A 99 19.36 -1.14 6.26
N ALA A 100 18.96 0.11 6.01
CA ALA A 100 18.31 0.91 7.05
C ALA A 100 17.01 0.24 7.58
N LEU A 101 16.02 0.04 6.73
CA LEU A 101 14.74 -0.39 7.23
C LEU A 101 14.77 -1.88 7.70
N ALA A 102 15.69 -2.67 7.16
CA ALA A 102 15.70 -4.14 7.42
C ALA A 102 16.24 -4.42 8.79
N GLU A 103 17.13 -3.56 9.24
CA GLU A 103 17.73 -3.76 10.63
C GLU A 103 16.75 -4.06 11.73
N GLY A 104 16.88 -5.17 12.38
CA GLY A 104 15.87 -5.35 13.39
C GLY A 104 14.66 -6.18 12.99
N GLY A 105 14.56 -6.40 11.67
CA GLY A 105 13.42 -7.07 11.15
C GLY A 105 13.90 -8.37 10.56
N SER A 106 13.44 -8.68 9.37
CA SER A 106 13.81 -9.96 8.82
C SER A 106 13.80 -9.89 7.28
N VAL A 107 14.50 -10.77 6.61
CA VAL A 107 14.73 -10.65 5.15
C VAL A 107 14.05 -11.80 4.41
N GLN A 108 13.15 -11.48 3.46
CA GLN A 108 12.48 -12.59 2.76
C GLN A 108 13.25 -12.94 1.51
N PRO A 110 17.00 -11.80 -0.08
CA PRO A 110 18.26 -11.03 0.05
C PRO A 110 18.46 -9.99 -1.08
N LEU A 111 18.87 -8.78 -0.79
CA LEU A 111 19.20 -7.82 -1.81
C LEU A 111 20.17 -8.31 -2.93
N GLY A 112 19.79 -8.25 -4.19
CA GLY A 112 20.78 -8.50 -5.25
C GLY A 112 20.08 -8.52 -6.59
N PRO A 113 20.82 -8.84 -7.66
CA PRO A 113 20.13 -8.80 -8.97
C PRO A 113 19.30 -10.02 -9.24
N THR A 114 18.31 -9.82 -10.08
CA THR A 114 17.31 -10.79 -10.45
C THR A 114 17.21 -10.49 -11.91
N PHE A 115 16.38 -11.24 -12.65
CA PHE A 115 16.19 -11.04 -14.08
C PHE A 115 15.51 -9.76 -14.58
N TRP A 116 15.11 -8.90 -13.68
CA TRP A 116 14.26 -7.76 -13.98
C TRP A 116 14.82 -6.58 -13.26
N ALA A 117 15.69 -6.82 -12.28
CA ALA A 117 16.32 -5.66 -11.69
C ALA A 117 17.80 -5.82 -11.35
N ALA A 118 18.46 -4.65 -11.33
CA ALA A 118 19.84 -4.62 -10.95
C ALA A 118 20.01 -4.93 -9.50
N SER A 119 19.14 -4.45 -8.59
CA SER A 119 19.16 -4.87 -7.16
C SER A 119 17.76 -4.95 -6.64
N PHE A 120 17.35 -6.05 -6.02
CA PHE A 120 15.96 -6.17 -5.54
C PHE A 120 16.00 -6.88 -4.21
N GLY A 121 15.12 -6.52 -3.28
CA GLY A 121 14.98 -7.33 -2.08
C GLY A 121 13.65 -7.11 -1.48
N PHE A 123 11.82 -7.42 2.52
CA PHE A 123 11.99 -7.62 3.94
C PHE A 123 10.85 -7.06 4.74
N THR A 124 10.74 -7.44 6.01
CA THR A 124 9.80 -6.83 6.89
C THR A 124 10.60 -6.02 7.89
N ASP A 125 10.16 -4.82 8.20
CA ASP A 125 10.90 -4.02 9.20
C ASP A 125 10.44 -4.40 10.60
N ARG A 126 11.14 -3.88 11.60
CA ARG A 126 10.94 -4.27 12.96
C ARG A 126 9.61 -3.69 13.38
N PHE A 127 8.89 -2.92 12.56
CA PHE A 127 7.58 -2.45 13.06
C PHE A 127 6.59 -3.21 12.26
N GLY A 128 7.02 -4.31 11.64
CA GLY A 128 6.10 -5.19 10.92
C GLY A 128 5.74 -4.88 9.46
N VAL A 129 6.49 -4.04 8.75
CA VAL A 129 6.05 -3.58 7.42
C VAL A 129 6.90 -4.24 6.35
N ALA A 130 6.22 -4.95 5.43
CA ALA A 130 6.97 -5.61 4.32
C ALA A 130 7.39 -4.58 3.21
N TRP A 131 8.69 -4.43 2.92
CA TRP A 131 9.11 -3.57 1.89
C TRP A 131 9.65 -4.36 0.72
N VAL A 133 12.68 -3.21 -2.02
CA VAL A 133 13.59 -2.24 -2.51
C VAL A 133 13.99 -2.74 -3.91
N ASN A 134 14.05 -1.83 -4.87
CA ASN A 134 14.17 -2.27 -6.24
C ASN A 134 14.82 -1.23 -7.04
N CYS A 135 15.94 -1.59 -7.62
CA CYS A 135 16.59 -0.68 -8.55
C CYS A 135 16.89 -1.38 -9.88
N GLU A 136 16.17 -0.97 -10.93
CA GLU A 136 16.33 -1.49 -12.28
C GLU A 136 17.56 -1.00 -12.96
N GLN A 137 17.77 0.31 -12.87
CA GLN A 137 18.80 1.06 -13.59
C GLN A 137 20.20 0.67 -13.15
N ASP A 138 20.86 1.57 -12.43
CA ASP A 138 22.27 1.38 -12.09
C ASP A 138 22.58 2.07 -10.73
N SER B 2 12.75 11.58 -8.48
CA SER B 2 12.80 10.08 -8.32
C SER B 2 12.22 9.51 -6.98
N LEU B 3 12.75 8.43 -6.46
CA LEU B 3 12.08 7.59 -5.47
C LEU B 3 10.57 7.35 -5.72
N GLN B 4 10.15 6.13 -6.07
CA GLN B 4 8.73 5.96 -6.37
C GLN B 4 8.20 5.06 -5.19
N ILE B 5 7.17 5.49 -4.46
CA ILE B 5 6.60 4.55 -3.51
C ILE B 5 5.44 3.90 -4.31
N VAL B 6 5.33 2.57 -4.25
CA VAL B 6 4.26 1.83 -4.99
C VAL B 6 3.79 0.59 -4.21
N PRO B 7 2.54 0.55 -3.87
CA PRO B 7 1.98 -0.56 -3.10
C PRO B 7 1.91 -1.85 -3.97
N TYR B 8 2.40 -2.99 -3.47
CA TYR B 8 2.38 -4.24 -4.25
C TYR B 8 1.37 -5.18 -3.58
N LEU B 9 0.23 -5.38 -4.21
CA LEU B 9 -0.79 -6.25 -3.70
C LEU B 9 -0.52 -7.72 -4.10
N ILE B 10 -0.77 -8.68 -3.21
CA ILE B 10 -0.74 -10.15 -3.61
C ILE B 10 -2.12 -10.78 -3.54
N PHE B 11 -2.55 -11.44 -4.60
CA PHE B 11 -3.93 -11.91 -4.73
C PHE B 11 -3.81 -13.39 -4.73
N ASN B 12 -4.96 -14.04 -4.48
CA ASN B 12 -4.91 -15.51 -4.44
C ASN B 12 -5.61 -16.05 -5.65
N GLY B 13 -5.04 -15.79 -6.82
CA GLY B 13 -5.50 -16.39 -8.05
C GLY B 13 -6.32 -15.45 -8.84
N ASN B 14 -6.84 -14.40 -8.21
CA ASN B 14 -7.73 -13.45 -8.94
C ASN B 14 -7.11 -12.08 -9.25
N CYS B 15 -5.83 -12.04 -9.55
CA CYS B 15 -5.17 -10.76 -9.77
C CYS B 15 -5.68 -10.13 -11.11
N ARG B 16 -5.77 -10.94 -12.17
CA ARG B 16 -6.33 -10.46 -13.44
C ARG B 16 -7.67 -9.74 -13.36
N GLU B 17 -8.63 -10.49 -12.85
CA GLU B 17 -10.01 -10.00 -12.73
C GLU B 17 -9.99 -8.69 -11.98
N ALA B 18 -9.21 -8.59 -10.88
CA ALA B 18 -9.15 -7.32 -10.08
C ALA B 18 -8.53 -6.16 -10.84
N PHE B 19 -7.27 -6.30 -11.27
CA PHE B 19 -6.62 -5.23 -11.98
C PHE B 19 -7.41 -4.81 -13.20
N SER B 20 -8.06 -5.76 -13.84
CA SER B 20 -9.05 -5.40 -14.86
C SER B 20 -10.01 -4.46 -14.25
N CYS B 21 -10.84 -4.97 -13.35
CA CYS B 21 -11.78 -4.06 -12.72
C CYS B 21 -11.16 -2.65 -12.29
N TYR B 22 -9.95 -2.70 -11.70
CA TYR B 22 -9.26 -1.53 -11.25
C TYR B 22 -9.03 -0.65 -12.45
N HIS B 23 -8.47 -1.26 -13.50
CA HIS B 23 -8.19 -0.58 -14.76
C HIS B 23 -9.37 0.19 -15.27
N GLN B 24 -10.53 -0.47 -15.22
CA GLN B 24 -11.74 0.12 -15.68
C GLN B 24 -12.13 1.35 -14.88
N HIS B 25 -12.33 1.18 -13.58
CA HIS B 25 -12.88 2.25 -12.74
C HIS B 25 -11.97 3.46 -12.53
N LEU B 26 -10.70 3.18 -12.30
CA LEU B 26 -9.74 4.17 -11.98
C LEU B 26 -9.22 4.74 -13.29
N GLY B 27 -9.55 4.09 -14.40
CA GLY B 27 -8.92 4.45 -15.64
C GLY B 27 -7.43 4.19 -15.71
N GLY B 28 -6.65 5.11 -16.25
CA GLY B 28 -5.23 4.87 -16.56
C GLY B 28 -4.84 3.69 -17.47
N THR B 29 -3.52 3.40 -17.49
CA THR B 29 -2.86 2.37 -18.30
C THR B 29 -2.32 1.14 -17.57
N LEU B 30 -2.72 -0.01 -18.05
CA LEU B 30 -2.28 -1.23 -17.50
C LEU B 30 -1.04 -1.64 -18.27
N GLU B 31 0.18 -1.29 -17.84
CA GLU B 31 1.39 -1.82 -18.48
C GLU B 31 1.59 -3.14 -17.81
N ALA B 32 2.37 -4.04 -18.33
CA ALA B 32 2.37 -5.34 -17.51
C ALA B 32 1.04 -6.04 -17.24
N LEU B 34 1.76 -9.79 -16.96
CA LEU B 34 2.51 -10.99 -17.31
C LEU B 34 2.00 -12.26 -16.49
N PRO B 35 1.50 -13.28 -17.18
CA PRO B 35 1.13 -14.51 -16.44
C PRO B 35 2.33 -15.36 -16.24
N PHE B 36 2.27 -16.36 -15.37
CA PHE B 36 3.44 -17.26 -15.20
C PHE B 36 3.78 -18.04 -16.46
N GLY B 37 2.77 -18.51 -17.16
CA GLY B 37 2.95 -19.29 -18.37
C GLY B 37 3.94 -18.71 -19.35
N ASP B 38 3.86 -17.39 -19.58
CA ASP B 38 4.77 -16.67 -20.48
C ASP B 38 5.97 -16.05 -19.71
N SER B 39 6.11 -16.38 -18.43
CA SER B 39 7.25 -15.98 -17.60
C SER B 39 8.59 -16.56 -18.06
N PRO B 40 9.73 -15.90 -17.66
CA PRO B 40 11.12 -16.38 -17.74
C PRO B 40 11.45 -17.19 -16.53
N GLU B 41 10.47 -17.93 -16.05
CA GLU B 41 10.66 -18.79 -14.92
C GLU B 41 9.62 -19.91 -15.01
N PRO B 46 7.72 -23.75 -12.46
CA PRO B 46 7.07 -24.41 -11.33
C PRO B 46 5.54 -24.25 -11.26
N ALA B 47 4.92 -25.29 -10.72
CA ALA B 47 3.49 -25.39 -10.44
C ALA B 47 2.61 -25.10 -11.62
N ASP B 48 2.67 -25.99 -12.60
CA ASP B 48 1.80 -25.94 -13.76
C ASP B 48 0.40 -25.96 -13.21
N TRP B 49 -0.62 -25.91 -14.05
CA TRP B 49 -2.01 -25.84 -13.59
C TRP B 49 -2.29 -24.50 -12.94
N LYS B 50 -1.34 -23.56 -12.96
CA LYS B 50 -1.59 -22.19 -12.44
C LYS B 50 -0.96 -21.16 -13.38
N ASP B 51 -1.61 -20.81 -14.51
CA ASP B 51 -1.13 -19.66 -15.34
C ASP B 51 -1.89 -18.37 -15.15
N LYS B 52 -1.61 -17.87 -13.94
CA LYS B 52 -2.06 -16.72 -13.29
C LYS B 52 -1.00 -15.63 -13.35
N ILE B 53 -1.19 -14.64 -12.50
CA ILE B 53 -0.53 -13.36 -12.79
C ILE B 53 0.78 -13.31 -12.07
N HIS B 55 2.96 -10.82 -12.61
CA HIS B 55 3.26 -9.45 -12.35
C HIS B 55 2.31 -8.57 -13.07
N ALA B 56 1.71 -7.59 -12.38
CA ALA B 56 0.78 -6.70 -13.06
C ALA B 56 0.97 -5.27 -12.59
N ARG B 57 0.90 -4.32 -13.52
CA ARG B 57 1.20 -2.99 -13.06
C ARG B 57 0.25 -2.07 -13.68
N LEU B 58 -0.39 -1.32 -12.82
CA LEU B 58 -1.36 -0.32 -13.24
C LEU B 58 -0.98 1.18 -12.95
N VAL B 59 -0.90 1.97 -14.00
CA VAL B 59 -0.36 3.29 -13.79
C VAL B 59 -1.41 4.31 -14.13
N VAL B 60 -1.75 5.14 -13.16
CA VAL B 60 -2.74 6.21 -13.28
C VAL B 60 -2.10 7.57 -12.92
N GLY B 61 -1.88 8.39 -13.92
CA GLY B 61 -1.16 9.61 -13.71
C GLY B 61 0.25 9.30 -13.26
N SER B 62 0.66 9.83 -12.10
CA SER B 62 1.99 9.64 -11.63
C SER B 62 2.00 8.55 -10.55
N PHE B 63 0.85 7.94 -10.24
CA PHE B 63 0.76 6.82 -9.27
C PHE B 63 0.68 5.39 -9.86
N ALA B 64 0.90 4.35 -9.07
CA ALA B 64 0.73 3.07 -9.62
C ALA B 64 0.32 2.06 -8.63
N LEU B 65 -0.12 0.90 -9.13
CA LEU B 65 -0.44 -0.26 -8.26
C LEU B 65 0.18 -1.42 -8.86
N ALA B 67 0.74 -5.90 -8.68
CA ALA B 67 0.36 -7.12 -8.10
C ALA B 67 0.79 -8.39 -8.79
N SER B 68 0.47 -9.51 -8.17
CA SER B 68 0.60 -10.83 -8.75
C SER B 68 -0.29 -11.78 -7.95
N ASP B 69 -0.60 -12.97 -8.49
CA ASP B 69 -1.14 -14.06 -7.68
C ASP B 69 -0.05 -14.75 -6.89
N ASN B 70 -0.36 -15.24 -5.68
CA ASN B 70 0.79 -15.74 -4.84
C ASN B 70 1.38 -17.01 -5.38
N HIS B 71 2.63 -17.27 -5.00
CA HIS B 71 3.22 -18.59 -5.40
C HIS B 71 2.38 -19.67 -4.65
N PRO B 72 2.20 -20.84 -5.25
CA PRO B 72 1.34 -21.70 -4.47
C PRO B 72 2.03 -22.37 -3.27
N ALA B 73 3.35 -22.53 -3.29
CA ALA B 73 4.05 -23.06 -2.11
C ALA B 73 3.60 -22.26 -0.89
N TYR B 74 3.88 -20.95 -0.92
CA TYR B 74 3.73 -20.06 0.23
C TYR B 74 2.26 -19.96 0.61
N PRO B 75 1.95 -20.05 1.92
CA PRO B 75 0.57 -19.91 2.38
C PRO B 75 0.12 -18.46 2.19
N TYR B 76 -1.19 -18.28 2.04
CA TYR B 76 -1.72 -17.00 1.73
C TYR B 76 -2.57 -16.75 2.90
N GLU B 77 -2.21 -15.71 3.66
CA GLU B 77 -3.11 -15.06 4.64
C GLU B 77 -3.48 -13.87 3.85
N GLY B 78 -4.74 -13.47 3.89
CA GLY B 78 -5.23 -12.38 3.01
C GLY B 78 -4.46 -11.08 3.03
N ILE B 79 -5.07 -10.02 2.58
CA ILE B 79 -4.42 -8.70 2.60
C ILE B 79 -4.96 -8.03 3.84
N LYS B 80 -4.15 -7.66 4.83
CA LYS B 80 -4.76 -7.16 6.04
C LYS B 80 -4.39 -5.77 6.50
N GLY B 81 -3.18 -5.56 6.98
CA GLY B 81 -3.03 -4.37 7.84
C GLY B 81 -3.00 -2.98 7.19
N CYS B 82 -3.83 -2.81 6.17
CA CYS B 82 -3.49 -1.92 5.11
C CYS B 82 -4.60 -1.65 4.12
N SER B 83 -4.63 -0.41 3.63
CA SER B 83 -5.67 0.08 2.70
C SER B 83 -5.15 1.12 1.73
N ILE B 84 -5.56 1.03 0.50
CA ILE B 84 -5.23 1.98 -0.47
C ILE B 84 -6.19 3.16 -0.31
N SER B 85 -5.61 4.30 -0.08
CA SER B 85 -6.34 5.43 0.05
C SER B 85 -6.50 6.09 -1.35
N LEU B 86 -7.75 6.33 -1.83
CA LEU B 86 -7.93 7.18 -3.05
C LEU B 86 -8.24 8.63 -2.72
N ASN B 87 -7.49 9.60 -3.19
CA ASN B 87 -7.91 10.99 -2.90
C ASN B 87 -8.24 11.61 -4.18
N VAL B 88 -9.43 12.18 -4.27
CA VAL B 88 -9.83 12.93 -5.45
C VAL B 88 -10.66 14.19 -5.15
N ASP B 89 -10.98 14.92 -6.19
CA ASP B 89 -11.41 16.35 -6.16
C ASP B 89 -12.91 16.51 -5.97
N SER B 90 -13.68 15.55 -6.42
CA SER B 90 -15.07 15.70 -6.44
C SER B 90 -15.74 14.71 -5.45
N LYS B 91 -16.80 15.23 -4.82
CA LYS B 91 -17.75 14.46 -4.08
C LYS B 91 -18.43 13.50 -5.07
N ALA B 92 -18.45 13.79 -6.38
CA ALA B 92 -19.07 12.84 -7.33
C ALA B 92 -18.08 11.77 -7.51
N GLU B 93 -16.84 12.17 -7.77
CA GLU B 93 -15.81 11.19 -8.11
C GLU B 93 -15.70 10.17 -6.94
N ALA B 94 -15.72 10.66 -5.70
CA ALA B 94 -15.84 9.76 -4.57
C ALA B 94 -17.00 8.75 -4.73
N GLU B 95 -18.23 9.27 -4.90
CA GLU B 95 -19.43 8.45 -5.10
C GLU B 95 -19.19 7.47 -6.22
N ARG B 96 -18.68 7.93 -7.36
CA ARG B 96 -18.44 6.99 -8.46
C ARG B 96 -17.57 5.81 -7.99
N LEU B 97 -16.40 6.14 -7.38
CA LEU B 97 -15.40 5.15 -7.06
C LEU B 97 -15.80 4.27 -5.96
N PHE B 98 -16.44 4.84 -4.96
CA PHE B 98 -16.97 4.10 -3.79
C PHE B 98 -17.97 3.04 -4.20
N ASN B 99 -18.82 3.43 -5.16
CA ASN B 99 -19.89 2.60 -5.66
C ASN B 99 -19.43 1.45 -6.57
N ALA B 100 -18.57 1.72 -7.55
CA ALA B 100 -18.09 0.61 -8.42
C ALA B 100 -17.28 -0.35 -7.66
N LEU B 101 -16.27 0.16 -6.93
CA LEU B 101 -15.30 -0.72 -6.34
C LEU B 101 -15.88 -1.49 -5.14
N ALA B 102 -17.01 -0.98 -4.59
CA ALA B 102 -17.58 -1.68 -3.47
C ALA B 102 -18.55 -2.69 -3.90
N GLU B 103 -19.04 -2.63 -5.16
CA GLU B 103 -20.14 -3.58 -5.59
C GLU B 103 -19.61 -4.94 -5.30
N GLY B 104 -20.41 -5.82 -4.69
CA GLY B 104 -19.99 -7.14 -4.20
C GLY B 104 -18.99 -7.14 -3.06
N GLY B 105 -18.73 -5.98 -2.48
CA GLY B 105 -17.72 -5.93 -1.46
C GLY B 105 -18.28 -6.03 -0.05
N SER B 106 -17.97 -5.03 0.77
CA SER B 106 -18.16 -5.10 2.19
C SER B 106 -17.81 -3.72 2.65
N VAL B 107 -18.72 -3.05 3.34
CA VAL B 107 -18.47 -1.69 3.77
C VAL B 107 -18.00 -1.62 5.22
N GLN B 108 -17.28 -0.58 5.61
CA GLN B 108 -16.84 -0.52 6.98
C GLN B 108 -17.05 0.89 7.47
N PRO B 110 -19.72 3.80 5.70
CA PRO B 110 -20.44 4.25 4.51
C PRO B 110 -19.99 5.58 4.07
N LEU B 111 -20.34 5.96 2.86
CA LEU B 111 -19.81 7.18 2.29
C LEU B 111 -20.53 8.41 2.91
N GLY B 112 -19.79 9.33 3.49
CA GLY B 112 -20.39 10.51 4.11
C GLY B 112 -19.39 11.52 4.68
N PRO B 113 -19.90 12.69 5.17
CA PRO B 113 -18.91 13.68 5.74
C PRO B 113 -18.36 13.21 7.09
N THR B 114 -17.24 13.79 7.49
CA THR B 114 -16.53 13.44 8.73
C THR B 114 -15.91 14.77 8.88
N PHE B 115 -15.18 15.01 9.99
CA PHE B 115 -14.45 16.26 10.24
C PHE B 115 -13.28 16.58 9.32
N TRP B 116 -12.66 15.54 8.76
CA TRP B 116 -11.56 15.72 7.79
C TRP B 116 -11.87 15.57 6.32
N ALA B 117 -13.12 15.33 5.96
CA ALA B 117 -13.46 15.15 4.55
C ALA B 117 -14.92 15.46 4.22
N ALA B 118 -15.09 16.05 3.03
CA ALA B 118 -16.36 16.29 2.45
C ALA B 118 -16.97 14.96 2.25
N SER B 119 -16.32 14.09 1.49
CA SER B 119 -16.84 12.73 1.41
C SER B 119 -15.73 11.76 1.70
N PHE B 120 -16.08 10.60 2.24
CA PHE B 120 -15.14 9.64 2.79
C PHE B 120 -15.85 8.29 2.98
N GLY B 121 -15.13 7.18 2.81
CA GLY B 121 -15.69 5.86 2.99
C GLY B 121 -14.62 4.79 3.03
N PHE B 123 -14.14 0.56 2.62
CA PHE B 123 -14.71 -0.71 2.18
C PHE B 123 -13.66 -1.76 1.74
N THR B 124 -14.11 -2.88 1.18
CA THR B 124 -13.20 -3.94 0.83
C THR B 124 -13.78 -4.50 -0.42
N ASP B 125 -13.07 -4.49 -1.52
CA ASP B 125 -13.69 -4.97 -2.72
C ASP B 125 -13.91 -6.52 -2.72
N ARG B 126 -14.84 -6.94 -3.56
CA ARG B 126 -15.01 -8.32 -3.94
C ARG B 126 -13.68 -9.08 -3.92
N PHE B 127 -12.56 -8.42 -4.22
CA PHE B 127 -11.34 -9.18 -4.40
C PHE B 127 -10.49 -9.16 -3.13
N GLY B 128 -10.97 -8.56 -2.07
CA GLY B 128 -10.18 -8.65 -0.86
C GLY B 128 -9.30 -7.46 -0.54
N VAL B 129 -9.39 -6.38 -1.32
CA VAL B 129 -8.57 -5.22 -1.11
C VAL B 129 -9.33 -4.15 -0.34
N ALA B 130 -8.74 -3.68 0.75
CA ALA B 130 -9.41 -2.56 1.51
C ALA B 130 -9.16 -1.19 0.86
N TRP B 131 -10.18 -0.43 0.56
CA TRP B 131 -9.95 0.85 -0.13
C TRP B 131 -10.42 1.87 0.79
N VAL B 133 -11.87 5.81 0.17
CA VAL B 133 -12.14 6.93 -0.73
C VAL B 133 -12.20 8.28 0.03
N ASN B 134 -11.54 9.30 -0.49
CA ASN B 134 -11.41 10.59 0.24
C ASN B 134 -11.52 11.78 -0.68
N CYS B 135 -12.26 12.79 -0.27
CA CYS B 135 -12.51 13.95 -1.08
C CYS B 135 -12.41 15.06 -0.11
N GLU B 136 -12.16 16.27 -0.53
CA GLU B 136 -12.11 17.35 0.44
C GLU B 136 -12.48 18.76 -0.12
N GLN B 137 -13.34 18.81 -1.15
CA GLN B 137 -13.73 20.10 -1.76
C GLN B 137 -15.19 20.30 -2.27
N ASP B 138 -15.40 20.02 -3.56
CA ASP B 138 -16.67 20.24 -4.23
C ASP B 138 -17.62 19.08 -4.01
#